data_9C66
#
_entry.id   9C66
#
_cell.length_a   39.654
_cell.length_b   49.072
_cell.length_c   54.105
_cell.angle_alpha   90.00
_cell.angle_beta   90.00
_cell.angle_gamma   90.00
#
_symmetry.space_group_name_H-M   'P 21 21 21'
#
loop_
_entity.id
_entity.type
_entity.pdbx_description
1 polymer 'Protein enabled homolog'
2 polymer 'poly-proline segment of PTP1B'
3 non-polymer 1,2-ETHANEDIOL
4 non-polymer 'SULFATE ION'
5 water water
#
loop_
_entity_poly.entity_id
_entity_poly.type
_entity_poly.pdbx_seq_one_letter_code
_entity_poly.pdbx_strand_id
1 'polypeptide(L)'
;SMSEQSI(CSO)QARAAVMVYDDANKKWVPAGGSTGFSRVHIYHHTGNNTFRVVGRKIQDHQVVIN(CME)AIPKGLKYN
QATQTFHQWRDARQVYGLNFGSKEDANVFASAMMHALEVLNS
;
A
2 'polypeptide(L)' EHIPPPPRPP B
#
loop_
_chem_comp.id
_chem_comp.type
_chem_comp.name
_chem_comp.formula
EDO non-polymer 1,2-ETHANEDIOL 'C2 H6 O2'
SO4 non-polymer 'SULFATE ION' 'O4 S -2'
#
# COMPACT_ATOMS: atom_id res chain seq x y z
N SER A 3 8.25 -13.34 -10.84
CA SER A 3 8.13 -14.42 -9.86
C SER A 3 7.07 -14.05 -8.82
N GLU A 4 6.56 -15.05 -8.10
CA GLU A 4 5.55 -14.73 -7.09
C GLU A 4 6.08 -13.72 -6.07
N GLN A 5 7.24 -14.00 -5.46
CA GLN A 5 7.72 -13.12 -4.41
C GLN A 5 8.00 -11.72 -4.94
N SER A 6 8.47 -11.62 -6.17
CA SER A 6 8.71 -10.29 -6.74
C SER A 6 7.40 -9.55 -6.89
N ILE A 7 6.32 -10.29 -7.13
CA ILE A 7 4.99 -9.67 -7.23
C ILE A 7 4.62 -9.14 -5.87
N CSO A 8 5.18 -9.69 -4.79
CA CSO A 8 4.68 -9.25 -3.49
CB CSO A 8 4.88 -10.41 -2.45
SG CSO A 8 4.07 -12.00 -2.72
C CSO A 8 5.31 -8.03 -2.95
O CSO A 8 5.07 -7.69 -1.80
OD CSO A 8 2.51 -11.45 -2.91
H CSO A 8 5.82 -10.28 -4.80
HA CSO A 8 3.74 -9.04 -3.61
HB2 CSO A 8 4.58 -10.15 -1.57
HB3 CSO A 8 5.81 -10.65 -2.38
HD CSO A 8 2.09 -12.03 -3.35
N GLN A 9 6.03 -7.27 -3.76
CA GLN A 9 6.51 -6.00 -3.28
C GLN A 9 6.70 -5.03 -4.41
N ALA A 10 6.77 -3.76 -4.06
N ALA A 10 6.75 -3.77 -4.04
CA ALA A 10 6.92 -2.70 -5.05
CA ALA A 10 6.87 -2.67 -4.98
C ALA A 10 7.35 -1.44 -4.34
C ALA A 10 7.75 -1.62 -4.33
N ARG A 11 8.01 -0.56 -5.09
CA ARG A 11 8.42 0.72 -4.57
C ARG A 11 7.29 1.73 -4.79
N ALA A 12 6.93 2.40 -3.72
CA ALA A 12 5.92 3.41 -3.84
C ALA A 12 6.07 4.39 -2.70
N ALA A 13 5.58 5.59 -2.92
CA ALA A 13 5.48 6.57 -1.85
C ALA A 13 4.22 6.29 -1.07
N VAL A 14 4.33 6.02 0.21
CA VAL A 14 3.17 5.80 1.06
C VAL A 14 2.66 7.16 1.49
N MET A 15 1.35 7.35 1.35
CA MET A 15 0.66 8.63 1.52
CA MET A 15 0.74 8.63 1.65
C MET A 15 -0.51 8.44 2.48
N VAL A 16 -0.87 9.51 3.17
CA VAL A 16 -2.09 9.56 3.92
C VAL A 16 -2.83 10.83 3.54
N TYR A 17 -4.16 10.79 3.62
CA TYR A 17 -4.99 11.92 3.23
C TYR A 17 -5.42 12.73 4.44
N ASP A 18 -5.05 14.01 4.45
CA ASP A 18 -5.53 14.96 5.46
C ASP A 18 -6.86 15.46 4.91
N ASP A 19 -7.95 14.93 5.47
CA ASP A 19 -9.27 15.26 4.98
C ASP A 19 -9.65 16.70 5.33
N ALA A 20 -9.24 17.16 6.49
CA ALA A 20 -9.63 18.50 6.86
C ALA A 20 -9.07 19.53 5.89
N ASN A 21 -7.83 19.35 5.47
CA ASN A 21 -7.20 20.31 4.58
C ASN A 21 -7.18 19.86 3.14
N LYS A 22 -7.75 18.69 2.84
CA LYS A 22 -7.89 18.17 1.47
C LYS A 22 -6.54 18.09 0.79
N LYS A 23 -5.61 17.40 1.45
CA LYS A 23 -4.25 17.27 0.95
C LYS A 23 -3.71 15.90 1.25
N TRP A 24 -3.03 15.32 0.25
CA TRP A 24 -2.25 14.10 0.46
C TRP A 24 -0.87 14.49 0.99
N VAL A 25 -0.44 13.80 2.03
CA VAL A 25 0.82 14.06 2.70
C VAL A 25 1.59 12.75 2.89
N PRO A 26 2.90 12.79 3.09
CA PRO A 26 3.64 11.55 3.24
C PRO A 26 3.32 10.81 4.53
N ALA A 27 3.17 9.50 4.45
CA ALA A 27 2.98 8.70 5.66
C ALA A 27 4.22 8.73 6.51
N GLY A 28 4.04 8.92 7.82
CA GLY A 28 5.18 9.09 8.69
C GLY A 28 5.87 10.42 8.63
N GLY A 29 5.39 11.33 7.78
CA GLY A 29 5.95 12.63 7.57
C GLY A 29 7.16 12.65 6.67
N SER A 30 7.54 11.51 6.11
CA SER A 30 8.81 11.34 5.42
CA SER A 30 8.81 11.32 5.42
C SER A 30 8.58 11.20 3.92
N THR A 31 8.91 12.25 3.19
N THR A 31 8.91 12.29 3.21
CA THR A 31 8.75 12.16 1.75
CA THR A 31 8.85 12.20 1.73
C THR A 31 9.73 11.18 1.14
C THR A 31 9.71 11.07 1.21
N GLY A 32 9.24 10.45 0.15
CA GLY A 32 10.05 9.54 -0.59
C GLY A 32 9.40 8.19 -0.72
N PHE A 33 10.06 7.36 -1.49
CA PHE A 33 9.61 6.00 -1.75
CA PHE A 33 9.58 6.03 -1.74
C PHE A 33 9.92 5.09 -0.58
N SER A 34 9.09 4.09 -0.39
CA SER A 34 9.32 2.94 0.46
C SER A 34 9.32 1.69 -0.39
N ARG A 35 10.00 0.65 0.09
CA ARG A 35 9.77 -0.71 -0.40
C ARG A 35 8.57 -1.26 0.35
N VAL A 36 7.48 -1.52 -0.38
CA VAL A 36 6.20 -1.95 0.19
C VAL A 36 6.01 -3.41 -0.13
N HIS A 37 5.86 -4.17 0.93
CA HIS A 37 5.73 -5.61 0.86
C HIS A 37 4.39 -6.05 1.40
N ILE A 38 3.87 -7.12 0.83
CA ILE A 38 2.78 -7.91 1.39
C ILE A 38 3.41 -9.21 1.88
N TYR A 39 3.33 -9.43 3.18
CA TYR A 39 3.88 -10.64 3.80
C TYR A 39 2.75 -11.51 4.36
N HIS A 40 2.82 -12.80 4.11
CA HIS A 40 1.86 -13.78 4.62
C HIS A 40 2.39 -14.32 5.92
N HIS A 41 1.82 -13.87 7.02
CA HIS A 41 2.10 -14.37 8.36
C HIS A 41 1.25 -15.61 8.56
N THR A 42 1.84 -16.73 8.18
CA THR A 42 1.05 -17.97 8.16
C THR A 42 0.64 -18.43 9.54
N GLY A 43 1.42 -18.12 10.58
CA GLY A 43 1.15 -18.66 11.88
C GLY A 43 -0.21 -18.30 12.42
N ASN A 44 -0.69 -17.10 12.11
CA ASN A 44 -2.04 -16.69 12.48
C ASN A 44 -2.89 -16.39 11.27
N ASN A 45 -2.49 -16.87 10.10
CA ASN A 45 -3.28 -16.73 8.87
C ASN A 45 -3.65 -15.27 8.56
N THR A 46 -2.68 -14.37 8.70
CA THR A 46 -2.89 -12.98 8.39
C THR A 46 -1.95 -12.55 7.26
N PHE A 47 -2.23 -11.40 6.66
CA PHE A 47 -1.33 -10.75 5.74
C PHE A 47 -1.04 -9.37 6.29
N ARG A 48 0.17 -8.92 6.12
CA ARG A 48 0.55 -7.58 6.52
C ARG A 48 1.15 -6.81 5.38
N VAL A 49 0.84 -5.51 5.32
CA VAL A 49 1.54 -4.58 4.42
C VAL A 49 2.59 -3.86 5.24
N VAL A 50 3.83 -3.95 4.82
CA VAL A 50 4.96 -3.35 5.51
C VAL A 50 5.71 -2.50 4.52
N GLY A 51 5.90 -1.23 4.88
CA GLY A 51 6.58 -0.29 4.02
C GLY A 51 7.76 0.27 4.74
N ARG A 52 8.96 0.21 4.18
CA ARG A 52 10.16 0.76 4.79
C ARG A 52 10.84 1.71 3.82
N LYS A 53 11.16 2.91 4.29
CA LYS A 53 11.71 3.96 3.42
C LYS A 53 13.00 3.50 2.76
N ILE A 54 13.14 3.81 1.48
CA ILE A 54 14.35 3.40 0.71
C ILE A 54 15.59 4.08 1.28
N GLN A 55 15.49 5.26 1.83
CA GLN A 55 16.79 5.88 2.24
C GLN A 55 17.18 5.59 3.67
N ASP A 56 16.36 5.99 4.62
CA ASP A 56 16.69 5.92 6.06
C ASP A 56 16.19 4.60 6.64
N HIS A 57 15.46 3.80 5.85
CA HIS A 57 15.05 2.44 6.28
C HIS A 57 14.07 2.49 7.47
N GLN A 58 13.34 3.55 7.68
CA GLN A 58 12.30 3.64 8.69
C GLN A 58 11.01 2.98 8.22
N VAL A 59 10.38 2.25 9.13
CA VAL A 59 9.09 1.65 8.82
C VAL A 59 8.02 2.75 8.85
N VAL A 60 7.33 2.97 7.73
CA VAL A 60 6.24 3.95 7.70
C VAL A 60 4.83 3.35 7.71
N ILE A 61 4.67 2.08 7.38
CA ILE A 61 3.40 1.39 7.51
C ILE A 61 3.68 -0.05 7.87
N ASN A 62 2.86 -0.57 8.76
CA ASN A 62 2.95 -1.97 9.16
C ASN A 62 1.59 -2.37 9.67
N CME A 63 0.75 -2.84 8.78
CA CME A 63 -0.66 -3.04 9.14
CB CME A 63 -1.52 -1.97 8.57
SG CME A 63 -1.38 -1.75 6.77
SD CME A 63 -2.68 -3.12 5.92
CE CME A 63 -4.10 -2.22 5.19
CZ CME A 63 -4.92 -1.41 6.16
OH CME A 63 -5.07 -2.14 7.34
C CME A 63 -1.18 -4.40 8.67
O CME A 63 -0.76 -4.92 7.64
HA CME A 63 -0.70 -3.01 10.10
HB2 CME A 63 -1.29 -1.12 8.96
HB3 CME A 63 -2.44 -2.17 8.76
HE2 CME A 63 -4.69 -2.87 4.76
HE3 CME A 63 -3.76 -1.62 4.51
HZ2 CME A 63 -5.77 -1.21 5.75
HZ3 CME A 63 -4.48 -0.57 6.31
HH CME A 63 -5.00 -2.96 7.15
N ALA A 64 -2.07 -5.00 9.43
CA ALA A 64 -2.72 -6.22 8.99
C ALA A 64 -3.78 -5.84 7.96
N ILE A 65 -3.91 -6.63 6.90
CA ILE A 65 -4.94 -6.44 5.87
C ILE A 65 -6.25 -7.03 6.36
N PRO A 66 -7.34 -6.29 6.49
CA PRO A 66 -8.61 -6.90 6.87
C PRO A 66 -9.29 -7.55 5.69
N LYS A 67 -10.00 -8.64 5.96
CA LYS A 67 -10.61 -9.38 4.86
C LYS A 67 -11.58 -8.52 4.06
N GLY A 68 -12.16 -7.49 4.68
CA GLY A 68 -13.11 -6.68 3.96
C GLY A 68 -12.53 -5.43 3.34
N LEU A 69 -11.22 -5.35 3.20
CA LEU A 69 -10.64 -4.12 2.70
C LEU A 69 -11.15 -3.84 1.29
N LYS A 70 -11.50 -2.58 1.06
CA LYS A 70 -11.84 -2.08 -0.27
C LYS A 70 -10.60 -1.37 -0.83
N TYR A 71 -9.92 -2.02 -1.74
CA TYR A 71 -8.68 -1.50 -2.32
C TYR A 71 -9.00 -0.89 -3.66
N ASN A 72 -8.79 0.40 -3.79
CA ASN A 72 -9.19 1.14 -4.98
C ASN A 72 -7.99 1.50 -5.83
N GLN A 73 -8.01 1.12 -7.09
CA GLN A 73 -6.93 1.52 -8.03
C GLN A 73 -7.41 2.78 -8.71
N ALA A 74 -7.10 3.94 -8.12
CA ALA A 74 -7.70 5.17 -8.56
C ALA A 74 -7.14 5.62 -9.88
N THR A 75 -5.83 5.47 -10.06
CA THR A 75 -5.22 5.76 -11.34
C THR A 75 -4.25 4.64 -11.68
N GLN A 76 -3.58 4.81 -12.81
CA GLN A 76 -2.63 3.79 -13.24
C GLN A 76 -1.47 3.66 -12.29
N THR A 77 -1.22 4.69 -11.46
CA THR A 77 -0.08 4.61 -10.55
C THR A 77 -0.39 4.96 -9.11
N PHE A 78 -1.64 5.16 -8.75
CA PHE A 78 -2.02 5.56 -7.41
C PHE A 78 -3.15 4.70 -6.93
N HIS A 79 -2.95 3.98 -5.85
CA HIS A 79 -3.96 3.15 -5.22
C HIS A 79 -4.23 3.60 -3.81
N GLN A 80 -5.47 3.37 -3.34
CA GLN A 80 -5.84 3.91 -2.04
C GLN A 80 -6.86 3.00 -1.37
N TRP A 81 -6.94 3.13 -0.06
CA TRP A 81 -7.91 2.36 0.74
C TRP A 81 -8.20 3.13 1.99
N ARG A 82 -9.33 2.78 2.64
CA ARG A 82 -9.65 3.37 3.92
C ARG A 82 -9.51 2.32 5.01
N ASP A 83 -9.17 2.77 6.19
CA ASP A 83 -9.49 1.92 7.34
C ASP A 83 -9.57 2.81 8.58
N ALA A 84 -10.75 2.86 9.18
CA ALA A 84 -11.03 3.68 10.34
C ALA A 84 -11.28 5.14 9.99
N ARG A 85 -11.82 5.39 8.79
CA ARG A 85 -11.99 6.74 8.26
C ARG A 85 -10.66 7.43 7.96
N GLN A 86 -9.57 6.65 7.90
CA GLN A 86 -8.24 7.15 7.57
C GLN A 86 -7.80 6.58 6.23
N VAL A 87 -7.57 7.45 5.27
CA VAL A 87 -7.31 7.04 3.90
C VAL A 87 -5.81 7.01 3.65
N TYR A 88 -5.33 5.87 3.18
CA TYR A 88 -3.94 5.64 2.81
C TYR A 88 -3.85 5.53 1.30
N GLY A 89 -2.69 5.84 0.76
CA GLY A 89 -2.46 5.72 -0.66
C GLY A 89 -1.06 5.21 -0.90
N LEU A 90 -0.90 4.65 -2.07
CA LEU A 90 0.42 4.26 -2.59
C LEU A 90 0.60 4.91 -3.94
N ASN A 91 1.62 5.75 -4.07
CA ASN A 91 2.01 6.40 -5.34
C ASN A 91 3.20 5.62 -5.91
N PHE A 92 2.92 4.73 -6.85
CA PHE A 92 3.92 3.86 -7.44
C PHE A 92 4.81 4.66 -8.37
N GLY A 93 6.00 4.11 -8.59
CA GLY A 93 6.89 4.76 -9.54
C GLY A 93 6.57 4.43 -10.97
N SER A 94 5.88 3.33 -11.21
CA SER A 94 5.55 2.93 -12.57
C SER A 94 4.22 2.20 -12.58
N LYS A 95 3.60 2.26 -13.77
CA LYS A 95 2.35 1.51 -14.00
C LYS A 95 2.55 0.02 -13.81
N GLU A 96 3.68 -0.54 -14.27
CA GLU A 96 3.87 -1.98 -14.20
C GLU A 96 3.96 -2.46 -12.77
N ASP A 97 4.62 -1.69 -11.91
CA ASP A 97 4.75 -2.08 -10.52
C ASP A 97 3.43 -1.93 -9.80
N ALA A 98 2.69 -0.87 -10.12
CA ALA A 98 1.34 -0.72 -9.57
C ALA A 98 0.50 -1.96 -9.92
N ASN A 99 0.60 -2.45 -11.15
CA ASN A 99 -0.26 -3.55 -11.56
C ASN A 99 0.12 -4.83 -10.83
N VAL A 100 1.41 -5.06 -10.63
CA VAL A 100 1.90 -6.23 -9.92
CA VAL A 100 1.78 -6.29 -9.96
C VAL A 100 1.38 -6.23 -8.48
N PHE A 101 1.51 -5.09 -7.84
CA PHE A 101 1.17 -5.01 -6.42
CA PHE A 101 1.17 -4.99 -6.42
C PHE A 101 -0.33 -5.15 -6.24
N ALA A 102 -1.12 -4.57 -7.16
CA ALA A 102 -2.55 -4.79 -7.09
C ALA A 102 -2.91 -6.23 -7.17
N SER A 103 -2.25 -6.97 -8.05
CA SER A 103 -2.52 -8.40 -8.16
C SER A 103 -2.18 -9.13 -6.86
N ALA A 104 -1.09 -8.75 -6.22
CA ALA A 104 -0.72 -9.33 -4.94
C ALA A 104 -1.76 -9.04 -3.85
N MET A 105 -2.24 -7.80 -3.79
CA MET A 105 -3.25 -7.46 -2.82
CA MET A 105 -3.25 -7.46 -2.82
C MET A 105 -4.52 -8.22 -3.09
N MET A 106 -4.92 -8.31 -4.36
CA MET A 106 -6.16 -9.02 -4.62
CA MET A 106 -6.16 -9.03 -4.66
C MET A 106 -6.05 -10.50 -4.27
N HIS A 107 -4.87 -11.09 -4.45
CA HIS A 107 -4.70 -12.47 -4.05
C HIS A 107 -4.80 -12.59 -2.55
N ALA A 108 -4.17 -11.69 -1.80
CA ALA A 108 -4.25 -11.76 -0.35
C ALA A 108 -5.69 -11.69 0.11
N LEU A 109 -6.48 -10.82 -0.52
CA LEU A 109 -7.89 -10.70 -0.13
C LEU A 109 -8.67 -11.96 -0.49
N GLU A 110 -8.37 -12.59 -1.62
CA GLU A 110 -8.99 -13.87 -1.95
C GLU A 110 -8.67 -14.92 -0.89
N VAL A 111 -7.42 -15.00 -0.45
CA VAL A 111 -7.08 -15.98 0.56
C VAL A 111 -7.82 -15.68 1.84
N LEU A 112 -7.83 -14.42 2.24
CA LEU A 112 -8.40 -14.07 3.54
C LEU A 112 -9.89 -14.34 3.59
N ASN A 113 -10.52 -14.45 2.43
CA ASN A 113 -11.97 -14.65 2.36
C ASN A 113 -12.37 -16.06 1.97
N SER A 114 -11.42 -16.95 1.82
CA SER A 114 -11.80 -18.36 1.59
C SER A 114 -11.87 -19.18 2.89
N ILE B 3 -14.59 9.35 -1.31
CA ILE B 3 -13.26 8.94 -1.76
C ILE B 3 -12.48 10.19 -2.19
N PRO B 4 -11.27 10.41 -1.62
CA PRO B 4 -10.48 11.57 -2.02
C PRO B 4 -9.97 11.46 -3.44
N PRO B 5 -9.80 12.59 -4.15
CA PRO B 5 -9.12 12.56 -5.44
C PRO B 5 -7.66 12.19 -5.25
N PRO B 6 -7.02 11.63 -6.27
CA PRO B 6 -5.60 11.23 -6.12
C PRO B 6 -4.67 12.40 -6.39
N PRO B 7 -3.38 12.29 -5.99
CA PRO B 7 -2.36 13.31 -6.29
C PRO B 7 -1.68 13.16 -7.67
C1 EDO C . -1.60 -0.06 -16.80
O1 EDO C . -2.51 -0.82 -16.13
C2 EDO C . -2.11 1.24 -17.26
O2 EDO C . -3.37 1.24 -17.85
H11 EDO C . -1.29 -0.54 -17.59
H12 EDO C . -0.82 0.12 -16.25
HO1 EDO C . -2.83 -1.37 -16.69
H21 EDO C . -1.44 1.58 -17.87
H22 EDO C . -2.09 1.82 -16.48
HO2 EDO C . -3.54 0.46 -18.17
C1 EDO D . -12.63 -11.19 -1.88
O1 EDO D . -12.14 -9.87 -1.99
C2 EDO D . -13.93 -11.20 -1.12
O2 EDO D . -14.07 -9.95 -0.44
H11 EDO D . -12.00 -11.76 -1.43
H12 EDO D . -12.78 -11.58 -2.76
HO1 EDO D . -11.50 -9.88 -2.54
H21 EDO D . -13.91 -11.95 -0.50
H22 EDO D . -14.65 -11.37 -1.74
HO2 EDO D . -13.72 -9.35 -0.94
S SO4 E . 18.69 1.53 -0.43
O1 SO4 E . 19.68 2.27 0.43
O2 SO4 E . 17.53 1.03 0.38
O3 SO4 E . 18.23 2.49 -1.48
O4 SO4 E . 19.37 0.37 -1.12
#